data_4L6U
#
_entry.id   4L6U
#
_cell.length_a   70.695
_cell.length_b   64.162
_cell.length_c   79.278
_cell.angle_alpha   90.00
_cell.angle_beta   93.79
_cell.angle_gamma   90.00
#
_symmetry.space_group_name_H-M   'P 1 21 1'
#
loop_
_entity.id
_entity.type
_entity.pdbx_description
1 polymer 'Putative uncharacterized protein'
2 water water
#
_entity_poly.entity_id   1
_entity_poly.type   'polypeptide(L)'
_entity_poly.pdbx_seq_one_letter_code
;MCMYSATFTLEAITPVFMRGANQSKAEIRAASIKGLMRWWFRALSGSYFGNDVEGLRRVEEYVFGSTKRESRVVVEVVKE
HVEERFCPLPMVWKKKKGVTTRVSQRAIAPGSKFTLLLTSDDEEVLKLACYSLIGLVYFGGIGFRCSRGAGSLKISSLKS
DVQLIDLPKNKNQLGQMVNDLTVEIAKILKKTFLCDHENKNCTSYSSFWCFYLFLWGEKAELEEVYYRSNNLENERLTLL
DLFEKEFKNKNNHLSNYGYRDFVFGLPRGTKKDRRASPIKVGITELSEKYHVRVSVFKTKIFKPGMNVKWDNIFVFLENI
GAERIYPER
;
_entity_poly.pdbx_strand_id   A,B
#
# COMPACT_ATOMS: atom_id res chain seq x y z
N MET A 1 3.95 -21.87 -24.45
CA MET A 1 2.86 -21.23 -23.73
C MET A 1 3.31 -19.89 -23.13
N CYS A 2 3.29 -18.85 -23.95
CA CYS A 2 3.68 -17.51 -23.50
C CYS A 2 2.73 -16.99 -22.43
N MET A 3 3.29 -16.31 -21.44
CA MET A 3 2.48 -15.76 -20.35
C MET A 3 2.12 -14.30 -20.60
N TYR A 4 1.00 -14.09 -21.31
CA TYR A 4 0.50 -12.75 -21.58
C TYR A 4 0.03 -12.08 -20.28
N SER A 5 0.23 -10.77 -20.19
CA SER A 5 -0.06 -10.05 -18.96
C SER A 5 -0.57 -8.63 -19.21
N ALA A 6 -1.22 -8.08 -18.19
CA ALA A 6 -1.69 -6.71 -18.23
C ALA A 6 -1.73 -6.16 -16.82
N THR A 7 -1.38 -4.88 -16.66
CA THR A 7 -1.41 -4.24 -15.35
C THR A 7 -2.39 -3.08 -15.32
N PHE A 8 -3.10 -2.95 -14.21
CA PHE A 8 -4.04 -1.84 -14.03
C PHE A 8 -3.71 -1.14 -12.72
N THR A 9 -3.58 0.18 -12.77
CA THR A 9 -3.40 0.95 -11.53
C THR A 9 -4.68 1.68 -11.19
N LEU A 10 -5.47 1.09 -10.30
CA LEU A 10 -6.75 1.67 -9.90
C LEU A 10 -6.59 2.58 -8.70
N GLU A 11 -7.32 3.70 -8.72
CA GLU A 11 -7.29 4.65 -7.62
C GLU A 11 -8.71 4.91 -7.12
N ALA A 12 -8.89 4.83 -5.80
CA ALA A 12 -10.18 5.08 -5.20
C ALA A 12 -10.62 6.53 -5.33
N ILE A 13 -11.88 6.73 -5.70
CA ILE A 13 -12.48 8.06 -5.69
C ILE A 13 -13.29 8.20 -4.41
N THR A 14 -13.79 7.07 -3.93
CA THR A 14 -14.56 6.99 -2.70
C THR A 14 -13.97 5.89 -1.83
N PRO A 15 -14.13 5.98 -0.51
CA PRO A 15 -13.51 5.01 0.40
C PRO A 15 -13.98 3.58 0.16
N VAL A 16 -13.05 2.63 0.30
CA VAL A 16 -13.38 1.21 0.20
C VAL A 16 -13.56 0.61 1.60
N PHE A 17 -14.68 -0.06 1.81
CA PHE A 17 -14.98 -0.64 3.12
C PHE A 17 -14.85 -2.16 3.14
N MET A 18 -14.36 -2.69 4.26
CA MET A 18 -14.28 -4.13 4.45
C MET A 18 -15.67 -4.70 4.74
N ARG A 19 -15.85 -5.99 4.44
CA ARG A 19 -17.17 -6.62 4.49
C ARG A 19 -17.81 -6.59 5.88
N GLY A 20 -16.95 -6.58 6.90
CA GLY A 20 -17.25 -6.39 8.35
C GLY A 20 -16.28 -7.18 9.22
N GLN A 23 -9.17 -11.00 10.49
CA GLN A 23 -8.39 -10.04 9.73
C GLN A 23 -9.29 -9.01 9.06
N SER A 24 -9.89 -8.15 9.88
CA SER A 24 -10.83 -7.14 9.40
C SER A 24 -10.12 -5.87 8.92
N LYS A 25 -8.80 -5.84 9.04
CA LYS A 25 -8.01 -4.67 8.66
C LYS A 25 -8.18 -4.39 7.17
N ALA A 26 -8.25 -3.11 6.82
CA ALA A 26 -8.49 -2.70 5.44
C ALA A 26 -7.35 -3.14 4.51
N GLU A 27 -7.73 -3.71 3.37
CA GLU A 27 -6.78 -4.19 2.38
C GLU A 27 -7.51 -4.59 1.10
N ILE A 28 -6.77 -4.66 -0.01
CA ILE A 28 -7.33 -5.16 -1.25
C ILE A 28 -6.98 -6.64 -1.44
N ARG A 29 -7.99 -7.51 -1.28
CA ARG A 29 -7.80 -8.93 -1.54
C ARG A 29 -8.07 -9.24 -3.00
N ALA A 30 -7.11 -9.90 -3.65
CA ALA A 30 -7.21 -10.18 -5.08
C ALA A 30 -8.36 -11.12 -5.45
N ALA A 31 -8.66 -12.07 -4.57
CA ALA A 31 -9.70 -13.05 -4.85
C ALA A 31 -11.09 -12.41 -4.92
N SER A 32 -11.31 -11.40 -4.08
CA SER A 32 -12.58 -10.71 -4.05
C SER A 32 -12.77 -9.93 -5.35
N ILE A 33 -11.71 -9.25 -5.77
CA ILE A 33 -11.73 -8.49 -7.01
C ILE A 33 -11.94 -9.45 -8.18
N LYS A 34 -11.38 -10.64 -8.08
CA LYS A 34 -11.57 -11.65 -9.11
C LYS A 34 -13.03 -12.11 -9.15
N GLY A 35 -13.68 -12.14 -7.99
CA GLY A 35 -15.09 -12.51 -7.95
C GLY A 35 -15.97 -11.45 -8.56
N LEU A 36 -15.63 -10.19 -8.29
CA LEU A 36 -16.35 -9.09 -8.92
C LEU A 36 -16.12 -9.08 -10.43
N MET A 37 -14.92 -9.47 -10.84
CA MET A 37 -14.60 -9.59 -12.26
C MET A 37 -15.40 -10.72 -12.90
N ARG A 38 -15.67 -11.76 -12.11
CA ARG A 38 -16.47 -12.87 -12.60
C ARG A 38 -17.90 -12.41 -12.81
N TRP A 39 -18.43 -11.67 -11.83
CA TRP A 39 -19.80 -11.17 -11.91
C TRP A 39 -19.97 -10.23 -13.09
N TRP A 40 -19.05 -9.27 -13.22
CA TRP A 40 -19.10 -8.32 -14.32
C TRP A 40 -18.87 -8.97 -15.68
N PHE A 41 -18.07 -10.02 -15.71
CA PHE A 41 -17.91 -10.78 -16.94
C PHE A 41 -19.21 -11.47 -17.31
N ARG A 42 -19.97 -11.86 -16.29
CA ARG A 42 -21.26 -12.50 -16.53
C ARG A 42 -22.24 -11.49 -17.11
N ALA A 43 -22.32 -10.33 -16.47
CA ALA A 43 -23.23 -9.28 -16.91
C ALA A 43 -22.87 -8.73 -18.28
N LEU A 44 -21.58 -8.69 -18.58
CA LEU A 44 -21.11 -8.19 -19.87
C LEU A 44 -21.29 -9.21 -20.99
N SER A 45 -21.05 -10.47 -20.67
CA SER A 45 -21.20 -11.55 -21.64
C SER A 45 -22.68 -11.86 -21.86
N GLY A 46 -23.53 -11.32 -20.98
CA GLY A 46 -24.96 -11.48 -21.14
C GLY A 46 -25.46 -10.71 -22.35
N SER A 47 -24.67 -9.74 -22.78
CA SER A 47 -24.96 -9.00 -24.00
C SER A 47 -24.83 -9.90 -25.23
N TYR A 48 -24.06 -10.98 -25.09
CA TYR A 48 -23.88 -11.92 -26.18
C TYR A 48 -24.76 -13.17 -26.00
N PHE A 49 -24.56 -13.87 -24.89
CA PHE A 49 -25.27 -15.12 -24.65
C PHE A 49 -26.78 -14.96 -24.46
N GLY A 50 -27.21 -13.83 -23.93
CA GLY A 50 -28.61 -13.62 -23.63
C GLY A 50 -29.11 -14.60 -22.59
N ASN A 51 -30.16 -15.33 -22.92
CA ASN A 51 -30.73 -16.34 -22.02
C ASN A 51 -29.96 -17.66 -22.04
N ASP A 52 -29.00 -17.79 -22.94
CA ASP A 52 -28.18 -18.98 -23.02
C ASP A 52 -27.14 -18.99 -21.91
N VAL A 53 -27.57 -19.43 -20.73
CA VAL A 53 -26.71 -19.44 -19.55
C VAL A 53 -25.73 -20.60 -19.54
N GLU A 54 -25.93 -21.58 -20.41
CA GLU A 54 -25.04 -22.74 -20.48
C GLU A 54 -23.70 -22.43 -21.14
N GLY A 55 -23.74 -21.72 -22.26
CA GLY A 55 -22.52 -21.31 -22.93
C GLY A 55 -21.80 -20.29 -22.09
N LEU A 56 -22.58 -19.43 -21.44
CA LEU A 56 -22.04 -18.45 -20.52
C LEU A 56 -21.36 -19.16 -19.35
N ARG A 57 -21.92 -20.29 -18.93
CA ARG A 57 -21.33 -21.09 -17.89
C ARG A 57 -20.02 -21.68 -18.36
N ARG A 58 -19.99 -22.12 -19.62
CA ARG A 58 -18.79 -22.73 -20.16
C ARG A 58 -17.64 -21.75 -20.30
N VAL A 59 -17.95 -20.52 -20.71
CA VAL A 59 -16.91 -19.51 -20.85
C VAL A 59 -16.46 -18.98 -19.50
N GLU A 60 -17.42 -18.74 -18.61
CA GLU A 60 -17.10 -18.24 -17.27
C GLU A 60 -16.25 -19.26 -16.50
N GLU A 61 -16.53 -20.53 -16.72
CA GLU A 61 -15.73 -21.58 -16.11
C GLU A 61 -14.37 -21.70 -16.78
N TYR A 62 -14.34 -21.52 -18.09
CA TYR A 62 -13.08 -21.58 -18.82
C TYR A 62 -12.13 -20.45 -18.42
N VAL A 63 -12.69 -19.32 -18.04
CA VAL A 63 -11.87 -18.16 -17.70
C VAL A 63 -11.55 -18.09 -16.21
N PHE A 64 -12.59 -18.02 -15.38
CA PHE A 64 -12.40 -17.82 -13.94
C PHE A 64 -12.22 -19.13 -13.17
N GLY A 65 -12.35 -20.25 -13.86
CA GLY A 65 -12.18 -21.55 -13.23
C GLY A 65 -13.45 -22.02 -12.54
N SER A 66 -13.36 -23.18 -11.89
CA SER A 66 -14.49 -23.78 -11.19
C SER A 66 -14.00 -24.82 -10.20
N THR A 67 -14.93 -25.54 -9.59
CA THR A 67 -14.59 -26.64 -8.70
C THR A 67 -13.86 -27.72 -9.48
N LYS A 68 -14.14 -27.80 -10.78
CA LYS A 68 -13.47 -28.76 -11.66
C LYS A 68 -12.39 -28.08 -12.49
N ARG A 69 -12.81 -27.21 -13.40
CA ARG A 69 -11.90 -26.52 -14.29
C ARG A 69 -10.99 -25.55 -13.54
N GLU A 70 -9.71 -25.54 -13.90
CA GLU A 70 -8.77 -24.55 -13.35
C GLU A 70 -8.93 -23.21 -14.06
N SER A 71 -8.67 -22.13 -13.34
CA SER A 71 -8.74 -20.79 -13.94
C SER A 71 -7.64 -20.59 -14.98
N ARG A 72 -8.02 -20.02 -16.13
CA ARG A 72 -7.05 -19.70 -17.17
C ARG A 72 -6.42 -18.32 -16.96
N VAL A 73 -6.93 -17.58 -15.98
CA VAL A 73 -6.40 -16.25 -15.69
C VAL A 73 -6.08 -16.08 -14.20
N VAL A 74 -4.96 -15.44 -13.92
CA VAL A 74 -4.53 -15.21 -12.54
C VAL A 74 -4.60 -13.72 -12.20
N VAL A 75 -5.09 -13.42 -11.00
CA VAL A 75 -5.17 -12.05 -10.52
C VAL A 75 -4.30 -11.87 -9.28
N GLU A 76 -3.56 -10.77 -9.23
CA GLU A 76 -2.68 -10.51 -8.10
C GLU A 76 -2.48 -9.01 -7.87
N VAL A 77 -2.42 -8.61 -6.60
CA VAL A 77 -2.08 -7.24 -6.24
C VAL A 77 -0.57 -7.10 -6.10
N VAL A 78 0.10 -6.86 -7.22
CA VAL A 78 1.56 -6.76 -7.23
C VAL A 78 2.08 -5.47 -6.60
N LYS A 79 1.23 -4.47 -6.49
CA LYS A 79 1.62 -3.17 -5.94
C LYS A 79 0.46 -2.50 -5.21
N GLU A 80 0.79 -1.64 -4.25
CA GLU A 80 -0.23 -0.85 -3.57
C GLU A 80 0.33 0.38 -2.86
N HIS A 81 -0.53 1.39 -2.72
CA HIS A 81 -0.24 2.59 -1.94
C HIS A 81 -1.53 2.96 -1.22
N VAL A 82 -1.74 2.33 -0.07
CA VAL A 82 -2.99 2.46 0.68
C VAL A 82 -2.80 3.27 1.95
N GLU A 83 -3.75 4.15 2.25
CA GLU A 83 -3.76 4.86 3.51
C GLU A 83 -5.09 4.68 4.23
N GLU A 84 -5.05 4.06 5.41
CA GLU A 84 -6.25 3.88 6.21
C GLU A 84 -6.78 5.21 6.75
N ARG A 85 -8.09 5.36 6.72
CA ARG A 85 -8.78 6.51 7.30
C ARG A 85 -10.17 6.08 7.74
N PHE A 86 -10.73 6.76 8.73
CA PHE A 86 -12.11 6.53 9.12
C PHE A 86 -13.04 7.42 8.30
N CYS A 87 -13.91 6.79 7.52
CA CYS A 87 -14.82 7.53 6.66
C CYS A 87 -16.24 7.03 6.85
N PRO A 88 -17.24 7.92 6.68
CA PRO A 88 -18.64 7.54 6.89
C PRO A 88 -19.13 6.47 5.93
N LEU A 89 -20.00 5.60 6.43
CA LEU A 89 -20.67 4.62 5.59
C LEU A 89 -21.66 5.36 4.68
N PRO A 90 -21.91 4.82 3.48
CA PRO A 90 -22.75 5.48 2.46
C PRO A 90 -24.08 6.02 2.97
N MET A 91 -24.95 5.16 3.49
CA MET A 91 -26.27 5.63 3.93
C MET A 91 -26.69 5.12 5.31
N VAL A 92 -25.75 4.57 6.06
CA VAL A 92 -26.02 4.14 7.44
C VAL A 92 -26.10 5.35 8.37
N TRP A 93 -26.91 5.24 9.42
CA TRP A 93 -27.12 6.36 10.35
C TRP A 93 -27.29 5.92 11.81
N LYS A 94 -26.30 6.24 12.64
CA LYS A 94 -26.46 6.09 14.09
C LYS A 94 -27.35 7.20 14.63
N LYS A 95 -28.07 6.90 15.71
CA LYS A 95 -28.91 7.91 16.35
C LYS A 95 -28.31 8.41 17.67
N LYS A 96 -28.52 9.68 17.94
CA LYS A 96 -28.02 10.31 19.17
C LYS A 96 -29.05 11.33 19.65
N LYS A 97 -28.91 11.77 20.90
CA LYS A 97 -29.85 12.75 21.46
C LYS A 97 -29.82 14.05 20.68
N GLY A 98 -31.00 14.59 20.41
CA GLY A 98 -31.10 15.85 19.68
C GLY A 98 -30.87 15.72 18.19
N VAL A 99 -29.75 15.12 17.81
CA VAL A 99 -29.35 15.05 16.42
C VAL A 99 -28.71 13.71 16.04
N THR A 100 -29.10 13.18 14.88
CA THR A 100 -28.55 11.93 14.36
C THR A 100 -27.14 12.12 13.79
N THR A 101 -26.36 11.04 13.81
CA THR A 101 -25.00 11.09 13.27
C THR A 101 -24.69 9.85 12.41
N ARG A 102 -24.21 10.10 11.19
CA ARG A 102 -23.84 9.01 10.28
C ARG A 102 -22.65 8.21 10.78
N VAL A 103 -22.67 6.91 10.52
CA VAL A 103 -21.65 6.00 11.04
C VAL A 103 -20.34 6.06 10.27
N SER A 104 -19.29 6.51 10.94
CA SER A 104 -17.94 6.41 10.40
C SER A 104 -17.42 4.99 10.60
N GLN A 105 -16.51 4.56 9.74
CA GLN A 105 -15.91 3.23 9.86
C GLN A 105 -14.53 3.20 9.20
N ARG A 106 -13.71 2.25 9.63
CA ARG A 106 -12.36 2.06 9.08
C ARG A 106 -12.47 1.75 7.59
N ALA A 107 -11.63 2.40 6.78
CA ALA A 107 -11.72 2.27 5.34
C ALA A 107 -10.45 2.71 4.62
N ILE A 108 -10.28 2.23 3.40
CA ILE A 108 -9.20 2.69 2.55
C ILE A 108 -9.56 4.07 2.01
N ALA A 109 -8.68 5.04 2.26
CA ALA A 109 -8.96 6.44 1.91
C ALA A 109 -8.99 6.68 0.41
N PRO A 110 -9.80 7.63 -0.04
CA PRO A 110 -9.77 8.01 -1.46
C PRO A 110 -8.39 8.58 -1.81
N GLY A 111 -7.94 8.32 -3.03
CA GLY A 111 -6.61 8.73 -3.46
C GLY A 111 -5.60 7.64 -3.22
N SER A 112 -5.98 6.63 -2.44
CA SER A 112 -5.18 5.43 -2.29
C SER A 112 -5.29 4.64 -3.57
N LYS A 113 -4.27 3.85 -3.89
CA LYS A 113 -4.29 3.12 -5.15
C LYS A 113 -3.70 1.72 -5.03
N PHE A 114 -3.96 0.89 -6.03
CA PHE A 114 -3.38 -0.45 -6.07
C PHE A 114 -3.25 -0.95 -7.50
N THR A 115 -2.31 -1.86 -7.72
CA THR A 115 -2.03 -2.36 -9.06
C THR A 115 -2.34 -3.85 -9.21
N LEU A 116 -3.29 -4.16 -10.08
CA LEU A 116 -3.63 -5.53 -10.39
C LEU A 116 -2.83 -6.05 -11.59
N LEU A 117 -2.32 -7.26 -11.46
CA LEU A 117 -1.64 -7.93 -12.57
C LEU A 117 -2.47 -9.10 -13.08
N LEU A 118 -3.26 -8.83 -14.12
CA LEU A 118 -3.95 -9.88 -14.84
C LEU A 118 -2.94 -10.65 -15.68
N THR A 119 -3.10 -11.97 -15.78
CA THR A 119 -2.20 -12.78 -16.59
C THR A 119 -2.82 -14.10 -17.04
N SER A 120 -2.47 -14.53 -18.24
CA SER A 120 -3.03 -15.74 -18.82
C SER A 120 -2.15 -16.27 -19.96
N ASP A 121 -2.23 -17.56 -20.21
CA ASP A 121 -1.51 -18.15 -21.34
C ASP A 121 -2.28 -17.92 -22.65
N ASP A 122 -3.51 -17.46 -22.52
CA ASP A 122 -4.36 -17.19 -23.68
C ASP A 122 -4.60 -15.69 -23.81
N GLU A 123 -4.40 -15.16 -25.01
CA GLU A 123 -4.60 -13.73 -25.25
C GLU A 123 -6.06 -13.32 -25.07
N GLU A 124 -6.95 -14.15 -25.60
CA GLU A 124 -8.38 -13.84 -25.57
C GLU A 124 -8.91 -13.82 -24.15
N VAL A 125 -8.39 -14.72 -23.32
CA VAL A 125 -8.80 -14.79 -21.92
C VAL A 125 -8.37 -13.54 -21.18
N LEU A 126 -7.15 -13.08 -21.48
CA LEU A 126 -6.64 -11.85 -20.87
C LEU A 126 -7.49 -10.67 -21.32
N LYS A 127 -7.94 -10.69 -22.57
CA LYS A 127 -8.78 -9.62 -23.08
C LYS A 127 -10.14 -9.60 -22.39
N LEU A 128 -10.70 -10.79 -22.17
CA LEU A 128 -12.00 -10.89 -21.52
C LEU A 128 -11.93 -10.45 -20.07
N ALA A 129 -10.87 -10.86 -19.38
CA ALA A 129 -10.66 -10.45 -17.99
C ALA A 129 -10.42 -8.94 -17.90
N CYS A 130 -9.74 -8.39 -18.91
CA CYS A 130 -9.49 -6.96 -18.93
C CYS A 130 -10.78 -6.18 -19.12
N TYR A 131 -11.61 -6.64 -20.05
CA TYR A 131 -12.90 -5.99 -20.29
C TYR A 131 -13.81 -6.10 -19.08
N SER A 132 -13.69 -7.22 -18.36
CA SER A 132 -14.47 -7.41 -17.15
C SER A 132 -14.03 -6.44 -16.06
N LEU A 133 -12.72 -6.25 -15.93
CA LEU A 133 -12.19 -5.31 -14.96
C LEU A 133 -12.58 -3.88 -15.31
N ILE A 134 -12.60 -3.57 -16.60
CA ILE A 134 -12.97 -2.23 -17.05
C ILE A 134 -14.44 -1.97 -16.76
N GLY A 135 -15.26 -2.99 -16.95
CA GLY A 135 -16.69 -2.85 -16.67
C GLY A 135 -16.93 -2.71 -15.18
N LEU A 136 -16.15 -3.42 -14.38
CA LEU A 136 -16.22 -3.30 -12.94
C LEU A 136 -15.79 -1.91 -12.46
N VAL A 137 -14.81 -1.33 -13.15
CA VAL A 137 -14.28 -0.03 -12.75
C VAL A 137 -15.23 1.11 -13.11
N TYR A 138 -15.74 1.06 -14.33
CA TYR A 138 -16.59 2.15 -14.81
C TYR A 138 -18.05 2.05 -14.39
N PHE A 139 -18.58 0.84 -14.31
CA PHE A 139 -19.99 0.67 -14.00
C PHE A 139 -20.28 0.15 -12.59
N GLY A 140 -19.23 -0.11 -11.82
CA GLY A 140 -19.40 -0.69 -10.50
C GLY A 140 -18.52 -0.11 -9.40
N GLY A 141 -17.97 -0.99 -8.58
CA GLY A 141 -17.12 -0.59 -7.47
C GLY A 141 -16.70 -1.80 -6.66
N ILE A 142 -16.03 -1.57 -5.54
CA ILE A 142 -15.56 -2.67 -4.68
C ILE A 142 -15.85 -2.41 -3.21
N GLY A 143 -15.81 -3.46 -2.41
CA GLY A 143 -15.95 -3.35 -0.97
C GLY A 143 -17.39 -3.31 -0.49
N PHE A 144 -17.55 -3.19 0.84
CA PHE A 144 -18.87 -3.16 1.46
C PHE A 144 -19.67 -1.94 1.07
N ARG A 145 -20.98 -2.14 0.91
CA ARG A 145 -21.90 -1.10 0.46
C ARG A 145 -21.44 -0.45 -0.83
N CYS A 146 -20.91 -1.27 -1.74
CA CYS A 146 -20.42 -0.80 -3.03
C CYS A 146 -21.51 -0.22 -3.92
N SER A 147 -22.72 -0.78 -3.81
CA SER A 147 -23.83 -0.35 -4.65
C SER A 147 -24.35 1.03 -4.27
N ARG A 148 -23.99 1.48 -3.07
CA ARG A 148 -24.43 2.77 -2.58
C ARG A 148 -23.38 3.88 -2.75
N GLY A 149 -22.46 3.67 -3.68
CA GLY A 149 -21.50 4.69 -4.05
C GLY A 149 -20.13 4.60 -3.39
N ALA A 150 -20.00 3.73 -2.40
CA ALA A 150 -18.69 3.46 -1.81
C ALA A 150 -17.85 2.60 -2.75
N GLY A 151 -16.53 2.75 -2.68
CA GLY A 151 -15.64 1.90 -3.43
C GLY A 151 -15.48 2.24 -4.90
N SER A 152 -15.93 3.44 -5.29
CA SER A 152 -15.77 3.88 -6.68
C SER A 152 -14.29 4.00 -7.03
N LEU A 153 -13.95 3.65 -8.26
CA LEU A 153 -12.56 3.60 -8.69
C LEU A 153 -12.36 4.26 -10.05
N LYS A 154 -11.10 4.57 -10.36
CA LYS A 154 -10.73 5.07 -11.68
C LYS A 154 -9.41 4.44 -12.10
N ILE A 155 -9.20 4.35 -13.42
CA ILE A 155 -7.95 3.80 -13.94
C ILE A 155 -6.90 4.88 -14.13
N SER A 156 -6.05 5.07 -13.12
CA SER A 156 -4.99 6.07 -13.19
C SER A 156 -3.93 5.70 -14.23
N SER A 157 -3.75 4.40 -14.45
CA SER A 157 -2.75 3.92 -15.40
C SER A 157 -3.08 2.51 -15.89
N LEU A 158 -2.61 2.18 -17.08
CA LEU A 158 -2.88 0.87 -17.67
C LEU A 158 -1.79 0.45 -18.65
N LYS A 159 -1.42 -0.82 -18.59
CA LYS A 159 -0.49 -1.42 -19.53
C LYS A 159 -0.96 -2.83 -19.84
N SER A 160 -0.76 -3.27 -21.09
CA SER A 160 -1.26 -4.57 -21.51
C SER A 160 -0.48 -5.16 -22.69
N ASP A 161 -0.36 -6.48 -22.70
CA ASP A 161 0.29 -7.19 -23.80
C ASP A 161 -0.67 -7.37 -24.97
N VAL A 162 -1.95 -7.05 -24.74
CA VAL A 162 -2.96 -7.12 -25.79
C VAL A 162 -3.67 -5.78 -25.92
N GLN A 163 -4.07 -5.46 -27.15
CA GLN A 163 -4.81 -4.23 -27.40
C GLN A 163 -6.18 -4.27 -26.73
N LEU A 164 -6.61 -3.12 -26.21
CA LEU A 164 -7.88 -3.03 -25.51
C LEU A 164 -8.81 -2.03 -26.19
N ILE A 165 -9.92 -1.71 -25.54
CA ILE A 165 -10.88 -0.77 -26.08
N ASP A 166 -10.33 2.49 -25.85
CA ASP A 166 -10.17 3.88 -25.50
C ASP A 166 -11.04 4.27 -24.30
N LEU A 167 -10.39 4.66 -23.21
CA LEU A 167 -11.11 5.10 -22.02
C LEU A 167 -11.76 6.47 -22.27
N PRO A 168 -13.04 6.60 -21.94
CA PRO A 168 -13.85 7.80 -22.21
C PRO A 168 -13.35 9.04 -21.48
N LYS A 169 -13.47 10.20 -22.13
CA LYS A 169 -13.12 11.48 -21.51
C LYS A 169 -14.37 12.32 -21.26
N ASN A 170 -15.52 11.82 -21.69
CA ASN A 170 -16.77 12.56 -21.59
C ASN A 170 -18.00 11.66 -21.58
N LYS A 171 -19.16 12.26 -21.39
CA LYS A 171 -20.42 11.53 -21.32
C LYS A 171 -20.67 10.70 -22.59
N ASN A 172 -20.41 11.31 -23.75
CA ASN A 172 -20.68 10.65 -25.02
C ASN A 172 -19.78 9.43 -25.21
N GLN A 173 -18.49 9.60 -24.95
CA GLN A 173 -17.55 8.50 -25.03
C GLN A 173 -17.84 7.44 -23.97
N LEU A 174 -18.38 7.88 -22.84
CA LEU A 174 -18.78 6.95 -21.78
C LEU A 174 -19.94 6.09 -22.27
N GLY A 175 -20.80 6.67 -23.09
CA GLY A 175 -21.88 5.90 -23.68
C GLY A 175 -21.36 4.97 -24.76
N GLN A 176 -20.35 5.43 -25.49
CA GLN A 176 -19.72 4.62 -26.52
C GLN A 176 -18.97 3.41 -25.97
N MET A 177 -18.42 3.54 -24.77
CA MET A 177 -17.59 2.48 -24.20
C MET A 177 -18.38 1.21 -23.90
N VAL A 178 -19.67 1.35 -23.61
CA VAL A 178 -20.51 0.20 -23.37
C VAL A 178 -20.63 -0.63 -24.65
N ASN A 179 -20.93 0.06 -25.74
CA ASN A 179 -21.04 -0.59 -27.04
C ASN A 179 -19.70 -1.17 -27.50
N ASP A 180 -18.62 -0.50 -27.13
CA ASP A 180 -17.28 -0.99 -27.47
C ASP A 180 -16.95 -2.27 -26.71
N LEU A 181 -17.28 -2.29 -25.42
CA LEU A 181 -17.02 -3.46 -24.60
C LEU A 181 -17.86 -4.64 -25.08
N THR A 182 -19.12 -4.37 -25.38
CA THR A 182 -20.00 -5.43 -25.85
C THR A 182 -19.59 -5.96 -27.22
N VAL A 183 -19.22 -5.06 -28.13
CA VAL A 183 -18.80 -5.46 -29.46
C VAL A 183 -17.46 -6.22 -29.44
N GLU A 184 -16.59 -5.88 -28.49
CA GLU A 184 -15.31 -6.56 -28.39
C GLU A 184 -15.46 -7.94 -27.76
N ILE A 185 -16.23 -8.01 -26.68
CA ILE A 185 -16.49 -9.29 -26.02
C ILE A 185 -17.24 -10.23 -26.96
N ALA A 186 -18.17 -9.67 -27.74
CA ALA A 186 -18.88 -10.44 -28.74
C ALA A 186 -17.95 -10.89 -29.85
N LYS A 187 -17.01 -10.03 -30.24
CA LYS A 187 -16.06 -10.35 -31.28
C LYS A 187 -15.14 -11.49 -30.85
N ILE A 188 -14.85 -11.55 -29.55
CA ILE A 188 -14.04 -12.64 -29.01
C ILE A 188 -14.86 -13.92 -28.91
N LEU A 189 -16.10 -13.78 -28.45
CA LEU A 189 -16.99 -14.93 -28.26
C LEU A 189 -17.40 -15.60 -29.56
N LYS A 190 -17.45 -14.83 -30.65
CA LYS A 190 -17.85 -15.38 -31.94
C LYS A 190 -16.87 -16.43 -32.45
N LYS A 191 -15.59 -16.25 -32.14
CA LYS A 191 -14.59 -17.26 -32.46
C LYS A 191 -14.80 -18.54 -31.66
N THR A 192 -15.28 -18.40 -30.43
CA THR A 192 -15.47 -19.52 -29.54
C THR A 192 -16.82 -20.21 -29.68
N PHE A 193 -17.74 -19.60 -30.44
CA PHE A 193 -19.09 -20.13 -30.55
C PHE A 193 -19.69 -19.95 -31.94
N LEU A 194 -20.47 -20.94 -32.36
CA LEU A 194 -21.06 -20.97 -33.69
C LEU A 194 -22.25 -20.03 -33.84
N CYS A 195 -23.14 -20.04 -32.85
CA CYS A 195 -24.39 -19.29 -32.93
C CYS A 195 -24.23 -17.78 -32.73
N ASP A 196 -25.16 -17.03 -33.33
CA ASP A 196 -25.18 -15.57 -33.23
C ASP A 196 -25.64 -15.08 -31.86
N HIS A 197 -25.39 -13.82 -31.58
CA HIS A 197 -25.68 -13.21 -30.28
C HIS A 197 -27.17 -13.20 -29.93
N GLU A 198 -28.03 -13.28 -30.94
CA GLU A 198 -29.47 -13.23 -30.70
C GLU A 198 -29.96 -14.35 -29.80
N ASN A 199 -30.87 -14.02 -28.89
CA ASN A 199 -31.43 -14.98 -27.95
C ASN A 199 -32.78 -14.52 -27.42
N LYS A 200 -33.78 -14.52 -28.30
CA LYS A 200 -35.15 -14.11 -27.96
C LYS A 200 -35.24 -12.69 -27.39
N ASN A 201 -36.31 -12.44 -26.64
CA ASN A 201 -36.55 -11.12 -26.07
C ASN A 201 -35.56 -10.79 -24.95
N CYS A 202 -35.33 -9.49 -24.75
CA CYS A 202 -34.40 -9.03 -23.71
C CYS A 202 -34.99 -9.24 -22.32
N THR A 203 -34.49 -10.24 -21.61
CA THR A 203 -35.03 -10.58 -20.30
C THR A 203 -34.03 -11.23 -19.34
N SER A 204 -32.79 -11.42 -19.81
CA SER A 204 -31.78 -12.07 -18.97
C SER A 204 -31.47 -11.22 -17.73
N TYR A 205 -31.41 -11.88 -16.58
CA TYR A 205 -31.15 -11.20 -15.31
C TYR A 205 -29.72 -10.66 -15.19
N SER A 206 -29.59 -9.48 -14.61
CA SER A 206 -28.30 -8.87 -14.30
C SER A 206 -27.28 -8.94 -15.44
N SER A 207 -27.57 -8.25 -16.54
CA SER A 207 -26.71 -8.32 -17.72
C SER A 207 -26.73 -7.04 -18.53
N PHE A 208 -25.80 -6.93 -19.47
CA PHE A 208 -25.75 -5.79 -20.37
C PHE A 208 -26.74 -5.95 -21.51
N TRP A 209 -27.37 -7.12 -21.56
CA TRP A 209 -28.48 -7.39 -22.47
C TRP A 209 -29.65 -6.46 -22.13
N CYS A 210 -29.72 -6.05 -20.88
CA CYS A 210 -30.74 -5.10 -20.42
C CYS A 210 -30.13 -4.00 -19.54
N PHE A 211 -28.90 -3.61 -19.85
CA PHE A 211 -28.20 -2.58 -19.08
C PHE A 211 -28.74 -1.19 -19.33
N TYR A 212 -28.68 -0.35 -18.30
CA TYR A 212 -29.01 1.06 -18.43
C TYR A 212 -28.00 1.85 -17.59
N LEU A 213 -27.64 3.05 -18.05
CA LEU A 213 -26.68 3.86 -17.33
C LEU A 213 -27.18 5.29 -17.21
N PHE A 214 -26.94 5.91 -16.06
CA PHE A 214 -27.41 7.25 -15.81
C PHE A 214 -26.30 8.11 -15.21
N LEU A 215 -26.34 9.41 -15.47
CA LEU A 215 -25.46 10.35 -14.80
C LEU A 215 -26.29 11.42 -14.11
N TRP A 216 -25.82 11.87 -12.95
CA TRP A 216 -26.56 12.87 -12.18
C TRP A 216 -25.61 13.81 -11.42
N GLY A 217 -25.84 15.11 -11.59
CA GLY A 217 -25.12 16.10 -10.83
C GLY A 217 -23.75 16.40 -11.40
N GLU A 218 -23.06 17.35 -10.77
CA GLU A 218 -21.68 17.67 -11.12
C GLU A 218 -21.03 18.41 -9.95
N LYS A 219 -19.75 18.12 -9.71
CA LYS A 219 -19.01 18.76 -8.63
C LYS A 219 -17.52 18.75 -8.96
N ALA A 220 -16.96 19.94 -9.15
CA ALA A 220 -15.59 20.08 -9.64
C ALA A 220 -14.52 19.51 -8.71
N GLU A 221 -14.79 19.54 -7.40
CA GLU A 221 -13.81 19.05 -6.43
C GLU A 221 -14.24 17.75 -5.76
N LEU A 222 -13.29 16.87 -5.53
CA LEU A 222 -13.54 15.57 -4.91
C LEU A 222 -14.03 15.69 -3.47
N GLU A 223 -13.60 16.75 -2.79
CA GLU A 223 -13.94 16.94 -1.38
C GLU A 223 -15.43 17.15 -1.15
N GLU A 224 -16.11 17.71 -2.14
CA GLU A 224 -17.53 18.01 -2.04
C GLU A 224 -18.41 16.94 -2.69
N VAL A 225 -17.81 15.80 -3.02
CA VAL A 225 -18.55 14.72 -3.67
C VAL A 225 -19.09 13.69 -2.68
N TYR A 226 -18.21 13.11 -1.87
CA TYR A 226 -18.57 12.05 -0.94
C TYR A 226 -19.37 12.55 0.27
N TYR A 227 -20.13 11.65 0.89
CA TYR A 227 -20.96 11.99 2.04
C TYR A 227 -20.11 12.62 3.13
N ARG A 228 -20.65 13.66 3.78
CA ARG A 228 -19.91 14.38 4.80
C ARG A 228 -20.77 14.87 5.96
N SER A 229 -21.80 15.64 5.67
CA SER A 229 -22.61 16.27 6.70
C SER A 229 -23.34 15.26 7.58
N ASN A 230 -23.38 15.53 8.89
CA ASN A 230 -24.02 14.63 9.84
C ASN A 230 -25.54 14.80 9.91
N ASN A 231 -26.05 15.81 9.22
CA ASN A 231 -27.48 16.01 9.10
C ASN A 231 -27.83 16.55 7.71
N LEU A 232 -28.95 16.10 7.17
CA LEU A 232 -29.39 16.53 5.85
C LEU A 232 -30.13 17.86 5.90
N GLU A 233 -30.40 18.34 7.11
CA GLU A 233 -31.15 19.58 7.30
C GLU A 233 -30.41 20.81 6.79
N ASN A 234 -29.08 20.78 6.87
CA ASN A 234 -28.27 21.89 6.38
C ASN A 234 -28.19 21.91 4.85
N GLU A 235 -28.01 23.09 4.27
CA GLU A 235 -27.95 23.24 2.82
C GLU A 235 -26.53 23.10 2.29
N ARG A 236 -25.59 22.81 3.18
CA ARG A 236 -24.17 22.68 2.82
C ARG A 236 -23.84 21.27 2.36
N LEU A 237 -24.86 20.50 2.00
CA LEU A 237 -24.71 19.09 1.65
C LEU A 237 -23.79 18.86 0.45
N THR A 238 -23.01 17.78 0.53
CA THR A 238 -22.18 17.33 -0.59
C THR A 238 -23.05 16.64 -1.63
N LEU A 239 -22.48 16.41 -2.80
CA LEU A 239 -23.21 15.81 -3.93
C LEU A 239 -23.89 14.50 -3.55
N LEU A 240 -23.15 13.61 -2.91
CA LEU A 240 -23.71 12.35 -2.43
C LEU A 240 -24.76 12.56 -1.34
N ASP A 241 -24.56 13.58 -0.51
CA ASP A 241 -25.53 13.90 0.53
C ASP A 241 -26.83 14.39 -0.09
N LEU A 242 -26.73 15.16 -1.17
CA LEU A 242 -27.89 15.66 -1.87
C LEU A 242 -28.62 14.51 -2.57
N PHE A 243 -27.84 13.59 -3.15
CA PHE A 243 -28.44 12.44 -3.81
C PHE A 243 -29.14 11.56 -2.79
N GLU A 244 -28.55 11.44 -1.60
CA GLU A 244 -29.15 10.68 -0.51
C GLU A 244 -30.43 11.35 -0.03
N LYS A 245 -30.45 12.69 -0.09
CA LYS A 245 -31.61 13.45 0.37
C LYS A 245 -32.77 13.30 -0.59
N GLU A 246 -32.50 13.42 -1.89
CA GLU A 246 -33.51 13.21 -2.90
C GLU A 246 -33.97 11.76 -2.93
N PHE A 247 -33.06 10.85 -2.58
CA PHE A 247 -33.38 9.42 -2.51
C PHE A 247 -34.32 9.11 -1.35
N LYS A 248 -34.05 9.73 -0.20
CA LYS A 248 -34.91 9.57 0.97
C LYS A 248 -36.29 10.18 0.74
N ASN A 249 -36.36 11.20 -0.08
CA ASN A 249 -37.62 11.88 -0.38
C ASN A 249 -38.55 10.97 -1.15
N LYS A 250 -39.86 11.14 -0.95
CA LYS A 250 -40.85 10.27 -1.58
C LYS A 250 -41.06 10.59 -3.06
N ASN A 251 -39.95 10.64 -3.81
CA ASN A 251 -40.02 10.79 -5.26
C ASN A 251 -40.19 9.45 -5.97
N ASN A 252 -39.99 8.36 -5.23
CA ASN A 252 -40.02 7.02 -5.80
C ASN A 252 -41.37 6.60 -6.34
N HIS A 253 -42.44 7.10 -5.72
CA HIS A 253 -43.81 6.69 -6.03
C HIS A 253 -43.98 5.18 -5.86
N LEU A 254 -43.24 4.60 -4.91
CA LEU A 254 -43.37 3.19 -4.60
C LEU A 254 -44.08 2.99 -3.27
N ALA A 276 -26.84 -9.53 -8.04
CA ALA A 276 -26.72 -8.49 -7.03
C ALA A 276 -27.90 -7.53 -7.08
N SER A 277 -27.73 -6.36 -6.47
CA SER A 277 -28.77 -5.34 -6.46
C SER A 277 -29.00 -4.80 -7.87
N PRO A 278 -30.27 -4.60 -8.24
CA PRO A 278 -30.64 -4.10 -9.57
C PRO A 278 -30.02 -2.75 -9.89
N ILE A 279 -29.84 -1.91 -8.89
CA ILE A 279 -29.22 -0.61 -9.09
C ILE A 279 -27.88 -0.49 -8.37
N LYS A 280 -26.93 0.19 -9.00
CA LYS A 280 -25.61 0.41 -8.42
C LYS A 280 -25.13 1.82 -8.71
N VAL A 281 -25.33 2.72 -7.74
CA VAL A 281 -24.82 4.08 -7.85
C VAL A 281 -23.33 4.15 -7.53
N GLY A 282 -22.66 5.16 -8.10
CA GLY A 282 -21.23 5.34 -7.89
C GLY A 282 -20.80 6.72 -8.36
N ILE A 283 -19.49 6.96 -8.35
CA ILE A 283 -18.97 8.24 -8.81
C ILE A 283 -17.98 8.06 -9.95
N THR A 284 -18.32 8.61 -11.11
CA THR A 284 -17.42 8.60 -12.25
C THR A 284 -16.68 9.93 -12.37
N GLU A 285 -15.46 9.89 -12.91
CA GLU A 285 -14.70 11.12 -13.15
C GLU A 285 -14.44 11.30 -14.65
N LEU A 286 -15.00 12.36 -15.21
CA LEU A 286 -14.82 12.66 -16.63
C LEU A 286 -14.15 14.02 -16.80
N SER A 287 -12.90 14.00 -17.27
CA SER A 287 -12.12 15.22 -17.46
C SER A 287 -12.06 16.08 -16.20
N GLU A 288 -11.68 15.45 -15.09
CA GLU A 288 -11.60 16.12 -13.79
C GLU A 288 -12.92 16.75 -13.35
N LYS A 289 -14.01 16.07 -13.68
CA LYS A 289 -15.34 16.51 -13.26
C LYS A 289 -16.16 15.32 -12.78
N TYR A 290 -16.42 15.25 -11.48
CA TYR A 290 -17.12 14.12 -10.89
C TYR A 290 -18.62 14.13 -11.17
N HIS A 291 -19.20 12.94 -11.25
CA HIS A 291 -20.64 12.78 -11.49
C HIS A 291 -21.15 11.53 -10.79
N VAL A 292 -22.43 11.54 -10.42
CA VAL A 292 -23.06 10.38 -9.80
C VAL A 292 -23.64 9.44 -10.85
N ARG A 293 -22.90 8.38 -11.17
CA ARG A 293 -23.38 7.36 -12.07
C ARG A 293 -24.41 6.45 -11.39
N VAL A 294 -25.35 5.94 -12.18
CA VAL A 294 -26.33 4.99 -11.69
C VAL A 294 -26.48 3.86 -12.70
N SER A 295 -25.99 2.68 -12.32
CA SER A 295 -26.15 1.50 -13.18
C SER A 295 -27.46 0.78 -12.87
N VAL A 296 -28.12 0.29 -13.91
CA VAL A 296 -29.40 -0.40 -13.74
C VAL A 296 -29.43 -1.68 -14.57
N PHE A 297 -29.68 -2.80 -13.90
CA PHE A 297 -29.77 -4.10 -14.56
C PHE A 297 -31.18 -4.67 -14.49
N LYS A 298 -31.98 -4.39 -15.51
CA LYS A 298 -33.35 -4.91 -15.58
C LYS A 298 -33.35 -6.42 -15.72
N THR A 299 -34.29 -7.08 -15.04
CA THR A 299 -34.39 -8.54 -15.06
C THR A 299 -35.77 -9.00 -15.54
N LYS A 300 -36.08 -10.27 -15.31
CA LYS A 300 -37.35 -10.83 -15.78
C LYS A 300 -38.26 -11.27 -14.65
N ILE A 301 -38.00 -12.43 -14.07
CA ILE A 301 -38.88 -13.04 -13.07
C ILE A 301 -39.00 -12.17 -11.82
N PHE A 302 -37.92 -11.48 -11.45
CA PHE A 302 -37.95 -10.57 -10.33
C PHE A 302 -38.75 -9.31 -10.67
N LYS A 303 -39.43 -8.75 -9.68
CA LYS A 303 -40.25 -7.56 -9.89
C LYS A 303 -40.31 -6.70 -8.63
N TRP A 310 -41.40 -2.22 -12.31
CA TRP A 310 -39.98 -2.05 -12.64
C TRP A 310 -39.67 -0.64 -13.13
N ASP A 311 -40.72 0.09 -13.50
CA ASP A 311 -40.57 1.45 -14.01
C ASP A 311 -40.35 2.47 -12.90
N ASN A 312 -40.54 2.04 -11.66
CA ASN A 312 -40.42 2.96 -10.52
C ASN A 312 -39.02 3.54 -10.36
N ILE A 313 -38.00 2.73 -10.63
CA ILE A 313 -36.62 3.23 -10.62
C ILE A 313 -36.44 4.24 -11.75
N PHE A 314 -37.12 3.99 -12.86
CA PHE A 314 -37.01 4.84 -14.03
C PHE A 314 -37.71 6.17 -13.82
N VAL A 315 -38.92 6.14 -13.26
CA VAL A 315 -39.62 7.37 -12.94
C VAL A 315 -38.93 8.15 -11.83
N PHE A 316 -38.26 7.44 -10.92
CA PHE A 316 -37.50 8.11 -9.87
C PHE A 316 -36.29 8.82 -10.46
N LEU A 317 -35.60 8.16 -11.39
CA LEU A 317 -34.48 8.77 -12.08
C LEU A 317 -34.90 9.91 -12.99
N GLU A 318 -36.14 9.84 -13.49
CA GLU A 318 -36.68 10.88 -14.35
C GLU A 318 -37.07 12.13 -13.57
N ASN A 319 -37.72 11.94 -12.43
CA ASN A 319 -38.18 13.06 -11.62
C ASN A 319 -37.02 13.86 -11.01
N ILE A 320 -35.89 13.19 -10.77
CA ILE A 320 -34.72 13.85 -10.22
C ILE A 320 -33.89 14.53 -11.30
N GLY A 321 -34.27 14.30 -12.56
CA GLY A 321 -33.63 14.95 -13.68
C GLY A 321 -32.32 14.31 -14.13
N ALA A 322 -32.04 13.11 -13.63
CA ALA A 322 -30.82 12.41 -14.02
C ALA A 322 -30.80 12.08 -15.50
N GLU A 323 -29.64 12.24 -16.13
CA GLU A 323 -29.50 12.02 -17.57
C GLU A 323 -29.16 10.57 -17.88
N ARG A 324 -29.88 9.98 -18.84
CA ARG A 324 -29.63 8.60 -19.26
C ARG A 324 -28.71 8.55 -20.47
N ILE A 325 -27.41 8.53 -20.22
CA ILE A 325 -26.42 8.49 -21.30
C ILE A 325 -26.49 7.20 -22.12
N TYR A 326 -26.81 6.09 -21.47
CA TYR A 326 -26.95 4.83 -22.17
C TYR A 326 -28.26 4.16 -21.76
N PRO A 327 -28.94 3.50 -22.71
CA PRO A 327 -28.69 3.49 -24.17
C PRO A 327 -28.86 4.87 -24.81
N GLU A 328 -28.07 5.15 -25.84
CA GLU A 328 -28.11 6.43 -26.53
C GLU A 328 -29.48 6.71 -27.14
N MET B 1 21.00 -11.68 -18.23
CA MET B 1 19.73 -12.23 -18.68
C MET B 1 18.77 -12.45 -17.52
N CYS B 2 19.17 -13.30 -16.58
CA CYS B 2 18.36 -13.60 -15.41
C CYS B 2 18.18 -12.37 -14.52
N MET B 3 16.99 -12.23 -13.95
CA MET B 3 16.70 -11.10 -13.08
C MET B 3 16.34 -11.56 -11.67
N TYR B 4 17.35 -11.66 -10.82
CA TYR B 4 17.17 -12.07 -9.43
C TYR B 4 16.50 -10.98 -8.61
N SER B 5 15.76 -11.40 -7.57
CA SER B 5 14.97 -10.47 -6.79
C SER B 5 14.82 -10.91 -5.32
N ALA B 6 14.44 -9.95 -4.48
CA ALA B 6 14.16 -10.21 -3.07
C ALA B 6 13.14 -9.20 -2.59
N THR B 7 12.35 -9.58 -1.60
CA THR B 7 11.27 -8.74 -1.12
C THR B 7 11.34 -8.57 0.40
N PHE B 8 11.10 -7.35 0.88
CA PHE B 8 11.19 -7.05 2.30
C PHE B 8 9.97 -6.28 2.77
N THR B 9 9.14 -6.92 3.60
CA THR B 9 8.02 -6.22 4.22
C THR B 9 8.42 -5.66 5.59
N LEU B 10 8.79 -4.39 5.60
CA LEU B 10 9.18 -3.70 6.82
C LEU B 10 7.98 -3.09 7.54
N GLU B 11 8.03 -3.07 8.87
CA GLU B 11 6.98 -2.49 9.68
C GLU B 11 7.60 -1.54 10.70
N ALA B 12 6.91 -0.43 10.97
CA ALA B 12 7.43 0.58 11.89
C ALA B 12 7.20 0.21 13.35
N ILE B 13 8.27 0.22 14.13
CA ILE B 13 8.17 0.03 15.58
C ILE B 13 7.99 1.39 16.24
N THR B 14 8.51 2.42 15.58
CA THR B 14 8.39 3.80 16.04
C THR B 14 7.94 4.64 14.86
N PRO B 15 7.24 5.76 15.11
CA PRO B 15 6.70 6.55 14.00
C PRO B 15 7.78 7.08 13.05
N VAL B 16 7.47 7.10 11.76
CA VAL B 16 8.39 7.60 10.75
C VAL B 16 8.04 9.03 10.37
N PHE B 17 9.01 9.93 10.46
CA PHE B 17 8.79 11.33 10.12
C PHE B 17 9.30 11.66 8.72
N MET B 18 8.68 12.65 8.09
CA MET B 18 9.07 13.06 6.74
C MET B 18 9.97 14.30 6.79
N GLU B 27 4.90 9.13 3.22
CA GLU B 27 5.24 8.28 2.10
C GLU B 27 6.71 7.88 2.13
N ILE B 28 6.98 6.59 1.92
CA ILE B 28 8.34 6.07 1.93
C ILE B 28 8.98 6.19 0.55
N ARG B 29 9.75 7.26 0.33
CA ARG B 29 10.47 7.45 -0.92
C ARG B 29 11.53 6.37 -1.12
N ALA B 30 11.59 5.81 -2.33
CA ALA B 30 12.57 4.78 -2.64
C ALA B 30 14.02 5.29 -2.67
N ALA B 31 14.20 6.54 -3.07
CA ALA B 31 15.54 7.09 -3.25
C ALA B 31 16.29 7.25 -1.92
N SER B 32 15.59 7.77 -0.91
CA SER B 32 16.18 7.93 0.40
C SER B 32 16.52 6.58 1.01
N ILE B 33 15.68 5.58 0.72
CA ILE B 33 15.91 4.23 1.20
C ILE B 33 17.16 3.65 0.56
N LYS B 34 17.29 3.86 -0.74
CA LYS B 34 18.47 3.38 -1.47
C LYS B 34 19.74 4.08 -0.98
N GLY B 35 19.62 5.35 -0.62
CA GLY B 35 20.77 6.08 -0.12
C GLY B 35 21.18 5.62 1.26
N LEU B 36 20.20 5.29 2.10
CA LEU B 36 20.48 4.73 3.41
C LEU B 36 21.12 3.36 3.26
N MET B 37 20.68 2.62 2.24
CA MET B 37 21.26 1.33 1.92
C MET B 37 22.70 1.48 1.45
N ARG B 38 22.98 2.58 0.77
CA ARG B 38 24.32 2.87 0.30
C ARG B 38 25.23 3.17 1.49
N TRP B 39 24.70 3.96 2.42
CA TRP B 39 25.46 4.34 3.61
C TRP B 39 25.77 3.13 4.47
N TRP B 40 24.76 2.31 4.72
CA TRP B 40 24.97 1.09 5.49
C TRP B 40 25.84 0.08 4.75
N PHE B 41 25.80 0.12 3.42
CA PHE B 41 26.67 -0.77 2.65
C PHE B 41 28.13 -0.40 2.82
N ARG B 42 28.46 0.89 2.67
CA ARG B 42 29.85 1.29 2.89
C ARG B 42 30.28 1.10 4.35
N ALA B 43 29.34 1.33 5.27
CA ALA B 43 29.63 1.15 6.69
C ALA B 43 29.91 -0.31 7.04
N LEU B 44 29.24 -1.22 6.34
CA LEU B 44 29.43 -2.65 6.57
C LEU B 44 30.65 -3.20 5.83
N SER B 45 30.91 -2.64 4.65
CA SER B 45 32.03 -3.07 3.83
C SER B 45 33.33 -2.48 4.36
N GLY B 46 33.21 -1.54 5.29
CA GLY B 46 34.39 -0.94 5.89
C GLY B 46 35.08 -1.91 6.83
N SER B 47 34.36 -2.94 7.25
CA SER B 47 34.94 -4.02 8.04
C SER B 47 35.98 -4.78 7.24
N TYR B 48 35.82 -4.76 5.92
CA TYR B 48 36.74 -5.45 5.02
C TYR B 48 37.76 -4.48 4.42
N PHE B 49 37.27 -3.44 3.76
CA PHE B 49 38.15 -2.48 3.07
C PHE B 49 39.05 -1.68 3.99
N GLY B 50 38.60 -1.44 5.21
CA GLY B 50 39.36 -0.62 6.15
C GLY B 50 39.55 0.80 5.65
N ASN B 51 40.80 1.24 5.59
CA ASN B 51 41.13 2.59 5.13
C ASN B 51 41.13 2.72 3.61
N ASP B 52 41.00 1.60 2.91
CA ASP B 52 41.02 1.61 1.45
C ASP B 52 39.66 2.09 0.92
N VAL B 53 39.50 3.40 0.86
CA VAL B 53 38.27 4.02 0.40
C VAL B 53 38.11 3.94 -1.12
N GLU B 54 39.19 3.64 -1.82
CA GLU B 54 39.15 3.55 -3.27
C GLU B 54 38.44 2.29 -3.77
N GLY B 55 38.77 1.15 -3.15
CA GLY B 55 38.12 -0.10 -3.50
C GLY B 55 36.68 -0.07 -3.04
N LEU B 56 36.45 0.54 -1.89
CA LEU B 56 35.11 0.70 -1.37
C LEU B 56 34.28 1.57 -2.30
N ARG B 57 34.90 2.61 -2.85
CA ARG B 57 34.23 3.46 -3.83
C ARG B 57 33.94 2.67 -5.09
N ARG B 58 34.84 1.76 -5.43
CA ARG B 58 34.70 0.98 -6.65
C ARG B 58 33.50 0.04 -6.56
N VAL B 59 33.41 -0.69 -5.45
CA VAL B 59 32.30 -1.61 -5.24
C VAL B 59 30.99 -0.86 -5.03
N GLU B 60 31.04 0.22 -4.25
CA GLU B 60 29.84 1.01 -3.97
C GLU B 60 29.27 1.63 -5.24
N GLU B 61 30.15 2.02 -6.15
CA GLU B 61 29.71 2.54 -7.44
C GLU B 61 29.23 1.43 -8.35
N TYR B 62 29.86 0.27 -8.30
CA TYR B 62 29.41 -0.85 -9.12
C TYR B 62 28.02 -1.32 -8.70
N VAL B 63 27.71 -1.17 -7.42
CA VAL B 63 26.43 -1.66 -6.91
C VAL B 63 25.33 -0.58 -6.98
N PHE B 64 25.56 0.55 -6.32
CA PHE B 64 24.56 1.60 -6.24
C PHE B 64 24.59 2.58 -7.40
N GLY B 65 25.58 2.44 -8.28
CA GLY B 65 25.71 3.32 -9.42
C GLY B 65 26.43 4.61 -9.06
N SER B 66 26.55 5.50 -10.04
CA SER B 66 27.20 6.79 -9.83
C SER B 66 26.76 7.77 -10.90
N THR B 67 27.38 8.94 -10.93
CA THR B 67 27.10 9.93 -11.96
C THR B 67 27.49 9.38 -13.34
N LYS B 68 28.46 8.47 -13.35
CA LYS B 68 28.90 7.84 -14.59
C LYS B 68 28.35 6.43 -14.77
N ARG B 69 28.51 5.59 -13.74
CA ARG B 69 28.08 4.20 -13.82
C ARG B 69 26.61 3.99 -13.44
N GLU B 70 25.92 3.19 -14.25
CA GLU B 70 24.53 2.83 -13.96
C GLU B 70 24.45 1.83 -12.80
N SER B 71 23.41 1.96 -11.97
CA SER B 71 23.24 1.09 -10.81
C SER B 71 22.95 -0.35 -11.20
N ARG B 72 23.60 -1.29 -10.51
CA ARG B 72 23.37 -2.72 -10.74
C ARG B 72 22.18 -3.27 -9.94
N VAL B 73 21.63 -2.46 -9.03
CA VAL B 73 20.51 -2.89 -8.22
C VAL B 73 19.41 -1.83 -8.22
N VAL B 74 18.17 -2.29 -8.37
CA VAL B 74 17.01 -1.39 -8.36
C VAL B 74 16.21 -1.54 -7.07
N VAL B 75 15.90 -0.41 -6.44
CA VAL B 75 15.07 -0.41 -5.24
C VAL B 75 13.71 0.21 -5.55
N GLU B 76 12.65 -0.42 -5.07
CA GLU B 76 11.31 0.10 -5.30
C GLU B 76 10.36 -0.24 -4.16
N VAL B 77 9.55 0.74 -3.76
CA VAL B 77 8.52 0.52 -2.76
C VAL B 77 7.22 0.07 -3.45
N VAL B 78 7.15 -1.22 -3.78
CA VAL B 78 5.99 -1.73 -4.51
C VAL B 78 4.69 -1.67 -3.70
N LYS B 79 4.78 -1.80 -2.38
CA LYS B 79 3.59 -1.78 -1.54
C LYS B 79 3.76 -0.82 -0.37
N GLU B 80 2.65 -0.23 0.07
CA GLU B 80 2.69 0.75 1.15
C GLU B 80 1.35 0.86 1.86
N HIS B 81 1.26 0.24 3.04
CA HIS B 81 0.05 0.34 3.87
C HIS B 81 0.35 1.22 5.07
N VAL B 82 -0.22 2.42 5.08
CA VAL B 82 0.15 3.43 6.07
C VAL B 82 -1.07 4.06 6.73
N GLU B 83 -0.99 4.31 8.03
CA GLU B 83 -1.99 5.13 8.71
C GLU B 83 -1.30 6.32 9.35
N GLU B 84 -1.70 7.52 8.94
CA GLU B 84 -1.09 8.74 9.47
C GLU B 84 -1.48 8.98 10.94
N ARG B 85 -0.56 9.56 11.70
CA ARG B 85 -0.80 9.85 13.10
C ARG B 85 0.08 11.00 13.57
N PHE B 86 -0.43 11.82 14.48
CA PHE B 86 0.32 12.94 15.02
C PHE B 86 1.12 12.50 16.24
N CYS B 87 2.44 12.41 16.08
CA CYS B 87 3.29 11.91 17.15
C CYS B 87 4.44 12.86 17.45
N PRO B 88 4.91 12.85 18.71
CA PRO B 88 6.03 13.70 19.13
C PRO B 88 7.35 13.39 18.43
N LEU B 89 8.14 14.44 18.17
CA LEU B 89 9.49 14.26 17.67
C LEU B 89 10.37 13.74 18.81
N PRO B 90 11.43 12.98 18.48
CA PRO B 90 12.30 12.31 19.45
C PRO B 90 12.70 13.17 20.65
N MET B 91 13.48 14.22 20.42
CA MET B 91 13.98 15.04 21.53
C MET B 91 13.77 16.54 21.33
N VAL B 92 12.61 16.91 20.82
CA VAL B 92 12.27 18.32 20.64
C VAL B 92 11.23 18.75 21.68
N TRP B 93 11.30 20.00 22.12
CA TRP B 93 10.39 20.52 23.14
C TRP B 93 9.90 21.93 22.83
N LYS B 94 8.69 22.24 23.28
CA LYS B 94 8.08 23.55 23.07
C LYS B 94 7.71 24.16 24.40
N LYS B 95 7.76 25.49 24.49
CA LYS B 95 7.52 26.16 25.77
C LYS B 95 6.05 26.73 25.92
N LYS B 96 5.71 28.03 25.97
CA LYS B 96 6.54 29.23 25.94
C LYS B 96 5.94 30.30 26.84
N LYS B 97 6.68 30.73 27.86
CA LYS B 97 8.00 30.18 28.15
C LYS B 97 7.97 29.31 29.41
N GLY B 98 7.13 29.68 30.37
CA GLY B 98 7.07 28.96 31.63
C GLY B 98 6.50 27.56 31.54
N VAL B 99 5.50 27.38 30.68
CA VAL B 99 4.94 26.07 30.42
C VAL B 99 5.88 25.29 29.50
N THR B 100 5.87 23.97 29.58
CA THR B 100 6.65 23.14 28.67
C THR B 100 5.84 21.91 28.23
N THR B 101 5.75 21.72 26.91
CA THR B 101 5.07 20.57 26.35
C THR B 101 5.81 20.06 25.12
N ARG B 102 5.79 18.75 24.92
CA ARG B 102 6.49 18.15 23.79
C ARG B 102 5.86 18.53 22.46
N VAL B 103 6.69 18.81 21.47
CA VAL B 103 6.22 19.11 20.12
C VAL B 103 5.76 17.83 19.44
N SER B 104 4.86 17.97 18.46
CA SER B 104 4.37 16.82 17.70
C SER B 104 4.20 17.19 16.23
N GLN B 105 4.20 16.17 15.38
CA GLN B 105 4.09 16.38 13.94
C GLN B 105 3.42 15.19 13.28
N ARG B 106 2.92 15.39 12.06
CA ARG B 106 2.38 14.29 11.28
C ARG B 106 3.47 13.28 11.02
N ALA B 107 3.13 12.01 11.13
CA ALA B 107 4.11 10.95 10.95
C ALA B 107 3.41 9.64 10.59
N ILE B 108 4.13 8.76 9.90
CA ILE B 108 3.63 7.42 9.63
C ILE B 108 3.62 6.65 10.94
N ALA B 109 2.44 6.18 11.34
CA ALA B 109 2.26 5.53 12.63
C ALA B 109 2.93 4.17 12.71
N PRO B 110 3.36 3.77 13.91
CA PRO B 110 3.91 2.42 14.10
C PRO B 110 2.86 1.37 13.80
N GLY B 111 3.29 0.24 13.24
CA GLY B 111 2.37 -0.79 12.80
C GLY B 111 2.05 -0.65 11.33
N SER B 112 2.45 0.48 10.75
CA SER B 112 2.36 0.67 9.31
C SER B 112 3.43 -0.18 8.64
N LYS B 113 3.16 -0.60 7.40
CA LYS B 113 4.08 -1.46 6.69
C LYS B 113 4.36 -0.94 5.29
N PHE B 114 5.50 -1.35 4.74
CA PHE B 114 5.81 -1.09 3.34
C PHE B 114 6.71 -2.19 2.80
N THR B 115 6.66 -2.42 1.49
CA THR B 115 7.37 -3.54 0.89
C THR B 115 8.40 -3.07 -0.13
N LEU B 116 9.67 -3.28 0.20
CA LEU B 116 10.76 -2.96 -0.72
C LEU B 116 11.05 -4.15 -1.64
N LEU B 117 11.21 -3.86 -2.93
CA LEU B 117 11.60 -4.88 -3.90
C LEU B 117 13.02 -4.62 -4.39
N LEU B 118 13.97 -5.41 -3.91
CA LEU B 118 15.33 -5.35 -4.39
C LEU B 118 15.48 -6.26 -5.61
N THR B 119 16.24 -5.84 -6.61
CA THR B 119 16.39 -6.65 -7.81
C THR B 119 17.70 -6.34 -8.55
N SER B 120 18.28 -7.37 -9.16
CA SER B 120 19.55 -7.23 -9.87
C SER B 120 19.78 -8.37 -10.84
N ASP B 121 20.63 -8.13 -11.85
CA ASP B 121 21.04 -9.18 -12.77
C ASP B 121 22.19 -10.01 -12.18
N ASP B 122 22.73 -9.55 -11.06
CA ASP B 122 23.85 -10.21 -10.40
C ASP B 122 23.43 -10.64 -9.00
N GLU B 123 23.60 -11.93 -8.70
CA GLU B 123 23.22 -12.46 -7.39
C GLU B 123 24.03 -11.86 -6.25
N GLU B 124 25.30 -11.57 -6.52
CA GLU B 124 26.19 -11.03 -5.50
C GLU B 124 25.76 -9.62 -5.10
N VAL B 125 25.39 -8.82 -6.10
CA VAL B 125 24.93 -7.46 -5.86
C VAL B 125 23.63 -7.48 -5.07
N LEU B 126 22.81 -8.49 -5.35
CA LEU B 126 21.54 -8.63 -4.65
C LEU B 126 21.79 -8.99 -3.19
N LYS B 127 22.73 -9.89 -2.96
CA LYS B 127 23.06 -10.28 -1.59
C LYS B 127 23.65 -9.10 -0.81
N LEU B 128 24.44 -8.28 -1.50
CA LEU B 128 25.05 -7.13 -0.86
C LEU B 128 24.01 -6.08 -0.48
N ALA B 129 23.09 -5.81 -1.41
CA ALA B 129 22.02 -4.85 -1.15
C ALA B 129 21.10 -5.36 -0.04
N CYS B 130 20.91 -6.68 0.01
CA CYS B 130 20.07 -7.28 1.03
C CYS B 130 20.71 -7.15 2.40
N TYR B 131 22.01 -7.42 2.48
CA TYR B 131 22.73 -7.29 3.74
C TYR B 131 22.77 -5.84 4.19
N SER B 132 22.87 -4.92 3.24
CA SER B 132 22.86 -3.50 3.59
C SER B 132 21.50 -3.09 4.14
N LEU B 133 20.43 -3.63 3.56
CA LEU B 133 19.09 -3.35 4.06
C LEU B 133 18.92 -3.94 5.46
N ILE B 134 19.48 -5.13 5.68
CA ILE B 134 19.39 -5.77 6.97
C ILE B 134 20.13 -4.96 8.03
N GLY B 135 21.24 -4.35 7.64
CA GLY B 135 21.98 -3.51 8.56
C GLY B 135 21.23 -2.22 8.85
N LEU B 136 20.57 -1.69 7.82
CA LEU B 136 19.77 -0.48 7.96
C LEU B 136 18.59 -0.70 8.89
N VAL B 137 18.03 -1.92 8.85
CA VAL B 137 16.88 -2.23 9.68
C VAL B 137 17.26 -2.55 11.12
N TYR B 138 18.27 -3.39 11.28
CA TYR B 138 18.68 -3.85 12.61
C TYR B 138 19.56 -2.88 13.40
N PHE B 139 20.17 -1.91 12.73
CA PHE B 139 21.06 -0.99 13.43
C PHE B 139 20.73 0.48 13.18
N GLY B 140 19.95 0.73 12.13
CA GLY B 140 19.58 2.08 11.78
C GLY B 140 18.09 2.37 11.87
N GLY B 141 17.63 3.28 11.02
CA GLY B 141 16.23 3.66 10.96
C GLY B 141 16.00 4.51 9.72
N ILE B 142 14.79 5.03 9.57
CA ILE B 142 14.47 5.86 8.42
C ILE B 142 13.72 7.12 8.83
N GLY B 143 13.73 8.12 7.95
CA GLY B 143 13.00 9.35 8.19
C GLY B 143 13.74 10.37 9.04
N PHE B 144 13.10 11.49 9.29
CA PHE B 144 13.69 12.58 10.06
C PHE B 144 13.96 12.17 11.51
N ARG B 145 15.11 12.58 12.02
CA ARG B 145 15.53 12.28 13.39
C ARG B 145 15.50 10.78 13.73
N CYS B 146 15.91 9.96 12.78
CA CYS B 146 16.00 8.52 12.99
C CYS B 146 17.12 8.17 13.99
N SER B 147 18.10 9.07 14.11
CA SER B 147 19.24 8.87 15.00
C SER B 147 18.83 8.83 16.47
N ARG B 148 17.69 9.42 16.79
CA ARG B 148 17.23 9.48 18.18
C ARG B 148 15.96 8.67 18.45
N GLY B 149 15.89 7.47 17.87
CA GLY B 149 14.85 6.51 18.18
C GLY B 149 13.64 6.49 17.28
N ALA B 150 13.47 7.52 16.45
CA ALA B 150 12.39 7.55 15.48
C ALA B 150 12.72 6.65 14.29
N GLY B 151 11.69 6.13 13.62
CA GLY B 151 11.88 5.42 12.37
C GLY B 151 12.41 4.00 12.50
N SER B 152 12.40 3.46 13.71
CA SER B 152 12.84 2.09 13.93
C SER B 152 11.93 1.11 13.19
N LEU B 153 12.52 0.05 12.64
CA LEU B 153 11.79 -0.88 11.79
C LEU B 153 12.05 -2.34 12.13
N LYS B 154 11.17 -3.21 11.65
CA LYS B 154 11.35 -4.65 11.80
C LYS B 154 10.95 -5.36 10.51
N ILE B 155 11.56 -6.52 10.25
CA ILE B 155 11.25 -7.29 9.06
C ILE B 155 10.12 -8.29 9.32
N SER B 156 8.89 -7.87 9.06
CA SER B 156 7.73 -8.74 9.25
C SER B 156 7.69 -9.91 8.28
N SER B 157 8.30 -9.74 7.10
CA SER B 157 8.31 -10.78 6.08
C SER B 157 9.52 -10.64 5.18
N LEU B 158 9.99 -11.77 4.64
CA LEU B 158 11.17 -11.77 3.78
C LEU B 158 11.16 -12.92 2.77
N LYS B 159 11.36 -12.57 1.51
CA LYS B 159 11.49 -13.56 0.43
C LYS B 159 12.66 -13.15 -0.45
N SER B 160 13.39 -14.13 -0.97
CA SER B 160 14.59 -13.82 -1.76
C SER B 160 14.95 -14.94 -2.74
N ASP B 161 15.50 -14.55 -3.88
CA ASP B 161 15.99 -15.51 -4.87
C ASP B 161 17.38 -16.01 -4.50
N VAL B 162 18.00 -15.37 -3.50
CA VAL B 162 19.31 -15.79 -3.01
C VAL B 162 19.26 -16.05 -1.51
N GLN B 163 20.02 -17.04 -1.07
CA GLN B 163 20.08 -17.36 0.36
C GLN B 163 20.75 -16.24 1.14
N LEU B 164 20.25 -15.98 2.34
CA LEU B 164 20.78 -14.91 3.18
C LEU B 164 21.31 -15.47 4.50
N ILE B 165 20.88 -14.86 5.60
CA ILE B 165 21.31 -15.29 6.94
C ILE B 165 20.15 -15.25 7.91
N ASP B 166 20.24 -16.01 8.99
CA ASP B 166 19.18 -16.07 9.98
C ASP B 166 18.96 -14.74 10.70
N LEU B 167 17.69 -14.39 10.91
CA LEU B 167 17.32 -13.21 11.66
C LEU B 167 17.21 -13.51 13.15
N PRO B 168 17.91 -12.72 13.98
CA PRO B 168 18.07 -12.98 15.41
C PRO B 168 16.76 -12.96 16.20
N LYS B 169 16.67 -13.81 17.21
CA LYS B 169 15.50 -13.87 18.08
C LYS B 169 15.87 -13.41 19.49
N ASN B 170 17.15 -13.11 19.70
CA ASN B 170 17.66 -12.65 20.99
C ASN B 170 18.95 -11.86 20.81
N LYS B 171 19.41 -11.23 21.89
CA LYS B 171 20.55 -10.31 21.82
C LYS B 171 21.82 -11.02 21.33
N ASN B 172 22.02 -12.25 21.79
CA ASN B 172 23.21 -13.01 21.41
C ASN B 172 23.21 -13.32 19.92
N GLN B 173 22.04 -13.63 19.39
CA GLN B 173 21.87 -13.88 17.97
C GLN B 173 22.02 -12.60 17.15
N LEU B 174 21.76 -11.46 17.77
CA LEU B 174 21.90 -10.17 17.12
C LEU B 174 23.36 -9.82 16.97
N GLY B 175 24.10 -9.98 18.06
CA GLY B 175 25.53 -9.70 18.05
C GLY B 175 26.24 -10.68 17.16
N GLN B 176 25.74 -11.92 17.12
CA GLN B 176 26.25 -12.89 16.16
C GLN B 176 25.89 -12.47 14.73
N MET B 177 24.73 -11.84 14.57
CA MET B 177 24.28 -11.42 13.24
C MET B 177 25.17 -10.33 12.67
N VAL B 178 25.73 -9.49 13.55
CA VAL B 178 26.68 -8.49 13.08
C VAL B 178 27.87 -9.15 12.40
N ASN B 179 28.46 -10.12 13.09
CA ASN B 179 29.58 -10.87 12.56
C ASN B 179 29.22 -11.69 11.34
N ASP B 180 27.99 -12.20 11.30
CA ASP B 180 27.52 -12.96 10.15
C ASP B 180 27.42 -12.06 8.92
N LEU B 181 27.01 -10.82 9.15
CA LEU B 181 26.90 -9.85 8.08
C LEU B 181 28.29 -9.50 7.55
N THR B 182 29.20 -9.20 8.47
CA THR B 182 30.57 -8.86 8.07
C THR B 182 31.27 -10.01 7.36
N VAL B 183 30.98 -11.23 7.79
CA VAL B 183 31.60 -12.42 7.20
C VAL B 183 31.05 -12.68 5.79
N GLU B 184 29.73 -12.59 5.63
CA GLU B 184 29.13 -12.80 4.32
C GLU B 184 29.56 -11.73 3.33
N ILE B 185 29.58 -10.48 3.79
CA ILE B 185 29.96 -9.37 2.93
C ILE B 185 31.44 -9.47 2.55
N ALA B 186 32.28 -9.87 3.49
CA ALA B 186 33.70 -10.08 3.19
C ALA B 186 33.88 -11.23 2.20
N LYS B 187 33.02 -12.23 2.32
CA LYS B 187 33.10 -13.41 1.47
C LYS B 187 32.77 -13.05 0.03
N ILE B 188 31.69 -12.27 -0.14
CA ILE B 188 31.34 -11.79 -1.47
C ILE B 188 32.41 -10.83 -1.99
N LEU B 189 32.99 -10.05 -1.09
CA LEU B 189 33.99 -9.07 -1.47
C LEU B 189 35.29 -9.69 -1.96
N LYS B 190 35.65 -10.85 -1.44
CA LYS B 190 36.85 -11.53 -1.91
C LYS B 190 36.58 -12.48 -3.08
N LYS B 191 35.49 -13.25 -3.00
CA LYS B 191 35.15 -14.19 -4.05
C LYS B 191 34.71 -13.54 -5.36
N THR B 192 34.09 -12.36 -5.27
CA THR B 192 33.54 -11.71 -6.45
C THR B 192 34.19 -10.36 -6.78
N PHE B 193 35.18 -9.95 -6.00
CA PHE B 193 35.77 -8.62 -6.17
C PHE B 193 37.22 -8.55 -5.71
N LEU B 194 37.75 -7.32 -5.66
CA LEU B 194 39.14 -7.07 -5.31
C LEU B 194 39.47 -7.48 -3.87
N CYS B 195 40.66 -8.01 -3.68
CA CYS B 195 41.17 -8.37 -2.36
C CYS B 195 41.57 -7.14 -1.56
N ASP B 196 41.46 -7.24 -0.23
CA ASP B 196 41.93 -6.19 0.65
C ASP B 196 42.66 -6.80 1.84
N HIS B 197 42.95 -8.09 1.74
CA HIS B 197 43.65 -8.82 2.80
C HIS B 197 44.47 -9.95 2.21
N GLU B 198 45.54 -10.32 2.91
CA GLU B 198 46.46 -11.37 2.46
C GLU B 198 47.02 -11.09 1.07
N SER B 204 38.64 5.52 9.22
CA SER B 204 38.54 6.93 9.59
C SER B 204 37.21 7.52 9.13
N TYR B 205 36.22 6.64 8.95
CA TYR B 205 34.87 7.05 8.58
C TYR B 205 33.90 6.08 9.23
N SER B 206 32.62 6.40 9.23
CA SER B 206 31.62 5.55 9.86
C SER B 206 31.63 4.16 9.23
N SER B 207 31.93 3.15 10.03
CA SER B 207 32.18 1.81 9.52
C SER B 207 32.06 0.73 10.57
N PHE B 208 31.92 -0.52 10.11
CA PHE B 208 31.87 -1.67 11.00
C PHE B 208 33.27 -2.18 11.36
N TRP B 209 34.29 -1.53 10.81
CA TRP B 209 35.67 -1.83 11.16
C TRP B 209 35.89 -1.51 12.64
N CYS B 210 35.12 -0.57 13.15
CA CYS B 210 35.12 -0.25 14.58
C CYS B 210 33.70 -0.01 15.06
N PHE B 211 32.84 -1.01 14.87
CA PHE B 211 31.45 -0.92 15.30
C PHE B 211 31.24 -1.38 16.75
N TYR B 212 30.22 -0.82 17.39
CA TYR B 212 29.81 -1.23 18.73
C TYR B 212 28.29 -1.22 18.80
N LEU B 213 27.72 -2.18 19.52
CA LEU B 213 26.27 -2.27 19.63
C LEU B 213 25.83 -2.35 21.09
N PHE B 214 24.85 -1.53 21.46
CA PHE B 214 24.37 -1.53 22.84
C PHE B 214 22.85 -1.72 22.92
N LEU B 215 22.38 -2.21 24.06
CA LEU B 215 20.95 -2.32 24.32
C LEU B 215 20.65 -1.79 25.71
N TRP B 216 19.47 -1.21 25.89
CA TRP B 216 19.08 -0.73 27.21
C TRP B 216 17.56 -0.82 27.43
N GLY B 217 17.18 -1.30 28.60
CA GLY B 217 15.78 -1.36 28.98
C GLY B 217 15.05 -2.56 28.41
N GLU B 218 13.78 -2.70 28.75
CA GLU B 218 12.94 -3.77 28.20
C GLU B 218 11.45 -3.45 28.43
N LYS B 219 10.62 -3.80 27.45
CA LYS B 219 9.17 -3.68 27.58
C LYS B 219 8.44 -4.70 26.73
N ALA B 220 7.41 -5.32 27.31
CA ALA B 220 6.57 -6.26 26.57
C ALA B 220 5.45 -5.56 25.82
N GLU B 221 5.29 -4.26 26.07
CA GLU B 221 4.20 -3.50 25.47
C GLU B 221 4.74 -2.30 24.69
N LEU B 222 4.34 -2.21 23.42
CA LEU B 222 4.86 -1.19 22.52
C LEU B 222 4.49 0.24 22.93
N GLU B 223 3.36 0.39 23.61
CA GLU B 223 2.90 1.70 24.06
C GLU B 223 3.86 2.31 25.07
N GLU B 224 4.56 1.45 25.80
CA GLU B 224 5.50 1.87 26.83
C GLU B 224 6.88 2.21 26.26
N VAL B 225 7.04 2.08 24.95
CA VAL B 225 8.35 2.28 24.32
C VAL B 225 8.60 3.73 23.90
N TYR B 226 7.92 4.16 22.84
CA TYR B 226 8.11 5.51 22.28
C TYR B 226 7.56 6.59 23.20
N TYR B 227 8.09 7.80 23.09
CA TYR B 227 7.74 8.90 23.98
C TYR B 227 6.23 9.15 23.97
N ARG B 228 5.66 9.40 25.14
CA ARG B 228 4.23 9.62 25.26
C ARG B 228 3.87 10.40 26.53
N SER B 229 4.85 11.10 27.09
CA SER B 229 4.62 11.89 28.30
C SER B 229 5.49 13.14 28.35
N ASN B 230 4.88 14.28 28.03
CA ASN B 230 5.58 15.55 28.09
C ASN B 230 5.98 15.96 29.50
N ASN B 231 5.23 15.49 30.50
CA ASN B 231 5.57 15.74 31.89
C ASN B 231 6.59 14.72 32.36
N LEU B 232 7.86 15.08 32.28
CA LEU B 232 8.94 14.17 32.61
C LEU B 232 8.97 13.77 34.09
N GLU B 233 8.47 14.64 34.96
CA GLU B 233 8.55 14.36 36.40
C GLU B 233 7.73 13.13 36.82
N ASN B 234 6.75 12.76 35.99
CA ASN B 234 5.85 11.64 36.27
C ASN B 234 6.46 10.23 36.15
N GLU B 235 5.82 9.28 36.81
CA GLU B 235 6.18 7.86 36.74
C GLU B 235 5.62 7.21 35.48
N ARG B 236 4.94 8.01 34.66
CA ARG B 236 4.23 7.54 33.48
C ARG B 236 5.17 7.33 32.30
N LEU B 237 6.46 7.26 32.60
CA LEU B 237 7.52 7.24 31.60
C LEU B 237 7.49 6.07 30.63
N THR B 238 7.80 6.38 29.38
CA THR B 238 8.10 5.37 28.39
C THR B 238 9.61 5.14 28.39
N LEU B 239 10.06 4.07 27.75
CA LEU B 239 11.47 3.72 27.76
C LEU B 239 12.35 4.83 27.17
N LEU B 240 11.91 5.39 26.05
CA LEU B 240 12.61 6.50 25.42
C LEU B 240 12.58 7.78 26.26
N ASP B 241 11.52 7.97 27.03
CA ASP B 241 11.43 9.12 27.92
C ASP B 241 12.48 9.03 29.02
N LEU B 242 12.57 7.85 29.64
CA LEU B 242 13.56 7.60 30.68
C LEU B 242 14.95 7.73 30.08
N PHE B 243 15.07 7.32 28.81
CA PHE B 243 16.34 7.41 28.11
C PHE B 243 16.79 8.85 27.94
N GLU B 244 15.87 9.71 27.52
CA GLU B 244 16.19 11.13 27.37
C GLU B 244 16.45 11.77 28.74
N LYS B 245 15.80 11.26 29.77
CA LYS B 245 16.06 11.75 31.11
C LYS B 245 17.45 11.43 31.62
N GLU B 246 17.95 10.27 31.24
CA GLU B 246 19.31 9.90 31.61
C GLU B 246 20.29 10.72 30.79
N PHE B 247 19.78 11.30 29.71
CA PHE B 247 20.57 12.15 28.83
C PHE B 247 20.72 13.58 29.37
N LYS B 248 19.97 13.92 30.41
CA LYS B 248 20.04 15.26 30.99
C LYS B 248 21.18 15.38 32.00
N ASN B 249 22.38 15.01 31.57
CA ASN B 249 23.58 15.05 32.41
C ASN B 249 23.44 14.32 33.74
N LYS B 250 22.57 13.32 33.78
CA LYS B 250 22.43 12.48 34.96
C LYS B 250 23.47 11.37 34.93
N ASN B 251 24.16 11.25 33.79
CA ASN B 251 25.18 10.22 33.61
C ASN B 251 26.38 10.76 32.85
N ASN B 252 26.71 12.03 33.11
CA ASN B 252 27.83 12.71 32.46
C ASN B 252 27.73 12.67 30.94
N HIS B 253 26.54 12.90 30.42
CA HIS B 253 26.31 12.89 28.98
C HIS B 253 27.06 14.01 28.28
N ALA B 276 27.35 10.26 8.71
CA ALA B 276 26.25 10.50 9.62
C ALA B 276 26.74 10.61 11.06
N SER B 277 25.80 10.70 12.00
CA SER B 277 26.13 10.81 13.41
C SER B 277 26.78 9.53 13.93
N PRO B 278 27.84 9.68 14.75
CA PRO B 278 28.57 8.54 15.32
C PRO B 278 27.68 7.60 16.14
N ILE B 279 26.68 8.16 16.82
CA ILE B 279 25.75 7.36 17.59
C ILE B 279 24.39 7.27 16.90
N LYS B 280 23.75 6.11 17.01
CA LYS B 280 22.42 5.93 16.42
C LYS B 280 21.47 5.15 17.34
N VAL B 281 20.62 5.89 18.03
CA VAL B 281 19.60 5.31 18.89
C VAL B 281 18.46 4.72 18.06
N GLY B 282 17.84 3.66 18.55
CA GLY B 282 16.72 3.04 17.88
C GLY B 282 16.00 2.07 18.79
N ILE B 283 15.00 1.38 18.25
CA ILE B 283 14.27 0.37 19.02
C ILE B 283 14.29 -0.98 18.31
N THR B 284 14.79 -2.00 18.99
CA THR B 284 14.83 -3.35 18.42
C THR B 284 13.89 -4.29 19.15
N GLU B 285 13.22 -5.16 18.40
CA GLU B 285 12.30 -6.12 19.00
C GLU B 285 12.87 -7.54 18.96
N LEU B 286 13.37 -7.99 20.10
CA LEU B 286 13.89 -9.35 20.22
C LEU B 286 12.88 -10.28 20.89
N SER B 287 12.23 -11.11 20.09
CA SER B 287 11.24 -12.08 20.58
C SER B 287 10.14 -11.44 21.42
N GLU B 288 9.41 -10.51 20.81
CA GLU B 288 8.32 -9.79 21.47
C GLU B 288 8.77 -9.05 22.73
N LYS B 289 10.00 -8.55 22.69
CA LYS B 289 10.55 -7.77 23.80
C LYS B 289 11.36 -6.59 23.27
N TYR B 290 10.82 -5.39 23.45
CA TYR B 290 11.46 -4.18 22.94
C TYR B 290 12.70 -3.78 23.73
N HIS B 291 13.65 -3.16 23.05
CA HIS B 291 14.89 -2.72 23.68
C HIS B 291 15.39 -1.45 22.98
N VAL B 292 16.07 -0.59 23.74
CA VAL B 292 16.66 0.62 23.20
C VAL B 292 18.05 0.33 22.65
N ARG B 293 18.12 0.12 21.34
CA ARG B 293 19.38 -0.07 20.63
C ARG B 293 20.19 1.21 20.54
N VAL B 294 21.51 1.07 20.69
CA VAL B 294 22.43 2.20 20.53
C VAL B 294 23.62 1.75 19.68
N SER B 295 23.56 2.05 18.38
CA SER B 295 24.68 1.78 17.49
C SER B 295 25.79 2.82 17.66
N VAL B 296 27.03 2.39 17.49
CA VAL B 296 28.19 3.28 17.63
C VAL B 296 29.24 2.96 16.58
N PHE B 297 29.83 4.00 15.97
CA PHE B 297 30.90 3.83 15.01
C PHE B 297 32.15 4.59 15.46
N LYS B 298 33.17 3.85 15.90
CA LYS B 298 34.40 4.47 16.40
C LYS B 298 35.38 4.76 15.28
N THR B 299 35.09 5.78 14.49
CA THR B 299 35.94 6.15 13.35
C THR B 299 37.30 6.65 13.83
N GLY B 305 39.70 13.17 14.17
CA GLY B 305 39.11 13.52 15.46
C GLY B 305 39.15 12.35 16.42
N MET B 306 40.36 11.85 16.69
CA MET B 306 40.56 10.75 17.62
C MET B 306 40.43 11.16 19.08
N ASN B 307 40.08 10.20 19.93
CA ASN B 307 40.07 10.34 21.39
C ASN B 307 39.29 11.53 21.98
N VAL B 308 38.21 11.92 21.33
CA VAL B 308 37.39 13.02 21.85
C VAL B 308 36.03 12.55 22.38
N LYS B 309 35.00 12.61 21.53
CA LYS B 309 33.64 12.31 21.96
C LYS B 309 33.42 10.87 22.39
N TRP B 310 34.20 9.95 21.82
CA TRP B 310 33.99 8.52 22.06
C TRP B 310 34.20 8.10 23.51
N ASP B 311 35.08 8.80 24.22
CA ASP B 311 35.31 8.47 25.62
C ASP B 311 34.10 8.80 26.47
N ASN B 312 33.59 10.03 26.32
CA ASN B 312 32.41 10.44 27.07
C ASN B 312 31.15 9.67 26.65
N ILE B 313 31.09 9.27 25.39
CA ILE B 313 29.97 8.47 24.92
C ILE B 313 30.02 7.08 25.53
N PHE B 314 31.19 6.46 25.50
CA PHE B 314 31.35 5.12 26.06
C PHE B 314 31.13 5.09 27.57
N VAL B 315 31.58 6.14 28.27
CA VAL B 315 31.37 6.19 29.71
C VAL B 315 29.95 6.64 30.06
N PHE B 316 29.26 7.25 29.11
CA PHE B 316 27.86 7.57 29.32
C PHE B 316 27.01 6.32 29.18
N LEU B 317 27.28 5.53 28.16
CA LEU B 317 26.60 4.26 27.97
C LEU B 317 26.94 3.29 29.11
N GLU B 318 28.17 3.38 29.60
CA GLU B 318 28.59 2.58 30.75
C GLU B 318 27.88 3.05 32.02
N ASN B 319 27.66 4.36 32.13
CA ASN B 319 27.02 4.95 33.29
C ASN B 319 25.55 4.55 33.43
N ILE B 320 24.88 4.36 32.31
CA ILE B 320 23.45 4.04 32.31
C ILE B 320 23.19 2.54 32.44
N GLY B 321 24.26 1.75 32.49
CA GLY B 321 24.14 0.32 32.64
C GLY B 321 23.79 -0.39 31.34
N ALA B 322 23.94 0.31 30.23
CA ALA B 322 23.64 -0.27 28.92
C ALA B 322 24.57 -1.44 28.63
N GLU B 323 24.02 -2.51 28.05
CA GLU B 323 24.77 -3.72 27.79
C GLU B 323 25.29 -3.78 26.35
N ARG B 324 26.59 -4.01 26.21
CA ARG B 324 27.19 -4.19 24.90
C ARG B 324 26.84 -5.57 24.34
N ILE B 325 26.72 -5.66 23.02
CA ILE B 325 26.48 -6.95 22.38
C ILE B 325 27.60 -7.27 21.40
N TYR B 326 28.04 -6.27 20.65
CA TYR B 326 29.15 -6.42 19.73
C TYR B 326 30.13 -5.29 19.98
N PRO B 327 31.44 -5.54 19.79
CA PRO B 327 32.14 -6.79 19.47
C PRO B 327 31.96 -7.93 20.48
N GLU B 328 31.82 -7.59 21.76
CA GLU B 328 31.72 -8.59 22.80
C GLU B 328 30.54 -8.33 23.74
#